data_3PMM
#
_entry.id   3PMM
#
_cell.length_a   143.085
_cell.length_b   143.085
_cell.length_c   129.612
_cell.angle_alpha   90.00
_cell.angle_beta   90.00
_cell.angle_gamma   90.00
#
_symmetry.space_group_name_H-M   'I 4 2 2'
#
loop_
_entity.id
_entity.type
_entity.pdbx_description
1 polymer 'Putative cytoplasmic protein'
2 non-polymer IMIDAZOLE
3 non-polymer 'FORMIC ACID'
4 water water
#
_entity_poly.entity_id   1
_entity_poly.type   'polypeptide(L)'
_entity_poly.pdbx_seq_one_letter_code
;SNA(MSE)KVWPVKHSPLLRQPERFIARSELQALIRNVTQNLVNIKDESGQFLLRLDDGRVIDTKGWAGWEWTHGVGLYG
IYQYYQQTGDIE(MSE)RDIIDRWFADRFAEGATTKNVNT(MSE)APFLTLAYRFEETGR(MSE)AYLPWLESWAEWA
(MSE)HE(MSE)PRTEQGG(MSE)QH(MSE)TLAEENHQQ(MSE)WDDTL(MSE)(MSE)TVLPLAKIGKLLNRPQYVEE
ATYQFLLHVQNL(MSE)DRETGLWFHGWNYEGRHNFARARWARGNSWLT(MSE)VIPDFLELVDLPEGNAVRRYLITVLD
AQIAALAECQDDSGLWHTLLDDPHSYLEASATAGFAYGILKAVRKRYVGQHYAGVAEKAIRGIVQNISPQGELLQTSFGT
G(MSE)GSDLDFYRQIPLTS(MSE)PYGQA(MSE)AILCLTEYLRKYF
;
_entity_poly.pdbx_strand_id   A
#
# COMPACT_ATOMS: atom_id res chain seq x y z
N ASN A 2 39.10 -17.10 37.05
CA ASN A 2 38.58 -16.24 35.99
C ASN A 2 37.15 -16.63 35.60
N ALA A 3 36.51 -17.43 36.45
CA ALA A 3 35.14 -17.88 36.20
C ALA A 3 34.14 -16.75 36.41
N LYS A 5 29.98 -15.30 37.07
CA LYS A 5 28.65 -15.58 37.59
C LYS A 5 27.64 -15.26 36.49
N VAL A 6 26.86 -16.26 36.09
CA VAL A 6 25.96 -16.11 34.95
C VAL A 6 24.56 -16.64 35.25
N TRP A 7 23.54 -15.84 34.95
CA TRP A 7 22.17 -16.24 35.19
C TRP A 7 21.58 -16.95 33.98
N PRO A 8 20.88 -18.07 34.22
CA PRO A 8 20.26 -18.82 33.12
C PRO A 8 18.95 -18.21 32.64
N VAL A 9 18.85 -17.92 31.34
CA VAL A 9 17.64 -17.33 30.78
C VAL A 9 17.27 -17.94 29.43
N LYS A 10 18.23 -18.57 28.75
CA LYS A 10 18.00 -18.99 27.36
C LYS A 10 16.97 -20.12 27.27
N HIS A 11 16.71 -20.77 28.39
CA HIS A 11 15.76 -21.87 28.46
C HIS A 11 14.32 -21.35 28.53
N SER A 12 14.17 -20.09 28.93
CA SER A 12 12.84 -19.52 29.20
C SER A 12 12.35 -18.63 28.05
N PRO A 13 11.18 -18.99 27.49
CA PRO A 13 10.50 -18.20 26.45
C PRO A 13 10.22 -16.78 26.94
N LEU A 14 9.94 -16.62 28.23
CA LEU A 14 9.71 -15.30 28.80
C LEU A 14 10.97 -14.46 28.85
N LEU A 15 12.07 -15.08 29.30
CA LEU A 15 13.30 -14.33 29.60
C LEU A 15 14.27 -14.15 28.43
N ARG A 16 14.29 -15.10 27.48
CA ARG A 16 15.28 -15.01 26.42
C ARG A 16 14.98 -13.87 25.43
N GLN A 17 16.02 -13.11 25.09
CA GLN A 17 15.88 -11.96 24.21
C GLN A 17 15.38 -12.37 22.83
N PRO A 18 14.73 -11.43 22.11
CA PRO A 18 14.17 -11.69 20.78
C PRO A 18 15.25 -12.10 19.79
N GLU A 19 14.95 -13.07 18.93
CA GLU A 19 15.90 -13.47 17.90
C GLU A 19 15.63 -12.64 16.65
N ARG A 20 16.62 -11.84 16.26
N ARG A 20 16.62 -11.85 16.25
CA ARG A 20 16.48 -10.93 15.13
CA ARG A 20 16.46 -10.93 15.13
C ARG A 20 17.42 -11.33 14.01
C ARG A 20 17.44 -11.22 14.00
N PHE A 21 16.92 -11.37 12.78
CA PHE A 21 17.74 -11.74 11.65
C PHE A 21 18.46 -10.53 11.07
N ILE A 22 17.96 -9.33 11.36
CA ILE A 22 18.63 -8.12 10.92
C ILE A 22 18.61 -7.08 12.06
N ALA A 23 19.73 -6.38 12.25
CA ALA A 23 19.81 -5.39 13.31
C ALA A 23 19.02 -4.13 12.96
N ARG A 24 18.55 -3.42 13.99
CA ARG A 24 17.84 -2.16 13.76
C ARG A 24 18.64 -1.21 12.86
N SER A 25 19.93 -1.09 13.13
CA SER A 25 20.76 -0.16 12.36
C SER A 25 20.83 -0.54 10.88
N GLU A 26 20.93 -1.85 10.59
CA GLU A 26 21.03 -2.32 9.21
C GLU A 26 19.71 -2.10 8.48
N LEU A 27 18.62 -2.32 9.21
CA LEU A 27 17.29 -2.16 8.66
C LEU A 27 17.02 -0.69 8.31
N GLN A 28 17.38 0.22 9.22
CA GLN A 28 17.27 1.64 8.91
C GLN A 28 18.12 2.04 7.70
N ALA A 29 19.33 1.48 7.60
CA ALA A 29 20.19 1.78 6.45
C ALA A 29 19.56 1.25 5.16
N LEU A 30 18.98 0.06 5.24
CA LEU A 30 18.32 -0.56 4.10
C LEU A 30 17.16 0.31 3.60
N ILE A 31 16.34 0.79 4.53
CA ILE A 31 15.20 1.62 4.18
C ILE A 31 15.66 2.91 3.50
N ARG A 32 16.71 3.52 4.04
N ARG A 32 16.71 3.53 4.04
CA ARG A 32 17.26 4.74 3.45
CA ARG A 32 17.24 4.75 3.45
C ARG A 32 17.79 4.50 2.05
C ARG A 32 17.83 4.52 2.06
N ASN A 33 18.41 3.33 1.84
CA ASN A 33 18.97 3.00 0.52
C ASN A 33 17.88 2.74 -0.52
N VAL A 34 16.82 2.08 -0.10
CA VAL A 34 15.65 1.87 -0.96
C VAL A 34 15.00 3.22 -1.28
N THR A 35 14.92 4.09 -0.29
CA THR A 35 14.38 5.42 -0.50
C THR A 35 15.23 6.19 -1.51
N GLN A 36 16.55 6.06 -1.38
N GLN A 36 16.55 6.06 -1.40
CA GLN A 36 17.45 6.74 -2.30
CA GLN A 36 17.44 6.76 -2.31
C GLN A 36 17.19 6.26 -3.73
C GLN A 36 17.24 6.26 -3.74
N ASN A 37 17.00 4.96 -3.88
CA ASN A 37 16.67 4.38 -5.19
C ASN A 37 15.37 4.95 -5.74
N LEU A 38 14.32 4.90 -4.92
CA LEU A 38 13.02 5.42 -5.29
C LEU A 38 13.05 6.85 -5.83
N VAL A 39 13.71 7.75 -5.11
CA VAL A 39 13.66 9.16 -5.50
CA VAL A 39 13.69 9.17 -5.46
C VAL A 39 14.58 9.46 -6.67
N ASN A 40 15.37 8.47 -7.07
CA ASN A 40 16.28 8.65 -8.20
C ASN A 40 15.85 7.88 -9.46
N ILE A 41 14.71 7.20 -9.38
CA ILE A 41 14.13 6.57 -10.56
C ILE A 41 13.81 7.67 -11.58
N LYS A 42 14.16 7.41 -12.84
CA LYS A 42 13.97 8.40 -13.92
C LYS A 42 13.89 7.76 -15.29
N ASP A 43 13.39 8.51 -16.26
CA ASP A 43 13.26 8.05 -17.64
C ASP A 43 13.93 9.08 -18.53
N GLU A 44 15.26 9.10 -18.52
CA GLU A 44 16.01 10.15 -19.20
C GLU A 44 15.76 10.20 -20.70
N SER A 45 15.59 9.03 -21.31
CA SER A 45 15.38 8.95 -22.76
C SER A 45 13.94 9.30 -23.15
N GLY A 46 13.01 9.15 -22.22
CA GLY A 46 11.62 9.42 -22.51
C GLY A 46 10.91 8.22 -23.10
N GLN A 47 11.49 7.05 -22.89
CA GLN A 47 10.91 5.79 -23.36
C GLN A 47 9.45 5.64 -22.98
N PHE A 48 9.18 5.79 -21.68
CA PHE A 48 7.89 5.42 -21.11
C PHE A 48 6.89 6.56 -21.01
N LEU A 49 7.21 7.71 -21.60
CA LEU A 49 6.32 8.86 -21.53
C LEU A 49 4.89 8.50 -21.95
N LEU A 50 3.93 8.88 -21.13
CA LEU A 50 2.51 8.68 -21.44
C LEU A 50 2.00 9.87 -22.23
N ARG A 51 1.46 9.60 -23.43
CA ARG A 51 0.97 10.66 -24.30
C ARG A 51 -0.54 10.58 -24.50
N LEU A 52 -1.22 11.71 -24.33
CA LEU A 52 -2.67 11.77 -24.52
C LEU A 52 -3.00 12.66 -25.71
N ASP A 53 -4.11 12.39 -26.38
CA ASP A 53 -4.43 13.16 -27.59
C ASP A 53 -4.97 14.56 -27.31
N ASP A 54 -4.95 14.96 -26.04
CA ASP A 54 -5.21 16.37 -25.71
C ASP A 54 -3.90 17.17 -25.66
N GLY A 55 -2.79 16.51 -25.99
CA GLY A 55 -1.50 17.17 -26.05
C GLY A 55 -0.63 16.97 -24.82
N ARG A 56 -1.19 16.38 -23.77
CA ARG A 56 -0.42 16.13 -22.57
C ARG A 56 0.64 15.05 -22.79
N VAL A 57 1.80 15.26 -22.18
CA VAL A 57 2.88 14.29 -22.22
C VAL A 57 3.38 14.13 -20.79
N ILE A 58 3.22 12.93 -20.24
CA ILE A 58 3.39 12.72 -18.80
C ILE A 58 4.53 11.76 -18.46
N ASP A 59 5.43 12.20 -17.58
CA ASP A 59 6.51 11.34 -17.08
C ASP A 59 6.01 10.54 -15.89
N THR A 60 5.78 9.25 -16.10
CA THR A 60 5.25 8.40 -15.02
C THR A 60 6.35 7.78 -14.15
N LYS A 61 7.61 7.93 -14.55
CA LYS A 61 8.71 7.24 -13.89
C LYS A 61 9.53 8.13 -12.96
N GLY A 62 9.80 9.35 -13.41
CA GLY A 62 10.64 10.29 -12.67
C GLY A 62 10.02 10.69 -11.35
N TRP A 63 10.87 11.07 -10.40
CA TRP A 63 10.42 11.52 -9.08
C TRP A 63 9.63 12.82 -9.23
N ALA A 64 9.90 13.57 -10.29
CA ALA A 64 9.19 14.82 -10.55
C ALA A 64 7.77 14.58 -11.08
N GLY A 65 7.39 13.32 -11.25
CA GLY A 65 6.06 12.99 -11.75
C GLY A 65 5.01 13.06 -10.65
N TRP A 66 3.78 12.72 -10.99
CA TRP A 66 2.69 12.76 -10.03
C TRP A 66 1.74 11.61 -10.34
N GLU A 67 2.03 10.46 -9.73
CA GLU A 67 1.28 9.23 -10.01
C GLU A 67 0.88 8.61 -8.68
N TRP A 68 0.08 7.57 -8.73
CA TRP A 68 -0.28 6.87 -7.50
C TRP A 68 0.98 6.33 -6.83
N THR A 69 1.99 6.04 -7.64
CA THR A 69 3.24 5.50 -7.12
C THR A 69 3.94 6.52 -6.21
N HIS A 70 3.89 7.81 -6.56
CA HIS A 70 4.44 8.83 -5.67
C HIS A 70 3.67 8.88 -4.36
N GLY A 71 2.35 8.71 -4.44
CA GLY A 71 1.53 8.69 -3.24
C GLY A 71 1.93 7.57 -2.30
N VAL A 72 2.13 6.38 -2.84
CA VAL A 72 2.50 5.26 -1.98
C VAL A 72 3.92 5.46 -1.42
N GLY A 73 4.84 5.94 -2.26
CA GLY A 73 6.20 6.23 -1.81
C GLY A 73 6.25 7.32 -0.73
N LEU A 74 5.52 8.41 -0.94
CA LEU A 74 5.47 9.48 0.06
C LEU A 74 4.93 8.97 1.39
N TYR A 75 3.97 8.07 1.34
CA TYR A 75 3.34 7.56 2.56
C TYR A 75 4.34 6.71 3.36
N GLY A 76 5.13 5.92 2.65
CA GLY A 76 6.17 5.12 3.28
C GLY A 76 7.26 5.99 3.89
N ILE A 77 7.75 6.96 3.12
CA ILE A 77 8.71 7.92 3.62
C ILE A 77 8.12 8.65 4.84
N TYR A 78 6.85 9.03 4.76
CA TYR A 78 6.23 9.71 5.88
C TYR A 78 6.17 8.84 7.15
N GLN A 79 5.83 7.56 7.00
CA GLN A 79 5.74 6.70 8.16
C GLN A 79 7.10 6.56 8.83
N TYR A 80 8.14 6.50 8.02
CA TYR A 80 9.48 6.42 8.56
C TYR A 80 9.84 7.71 9.31
N TYR A 81 9.52 8.85 8.72
CA TYR A 81 9.71 10.13 9.40
C TYR A 81 8.89 10.20 10.70
N GLN A 82 7.62 9.82 10.62
CA GLN A 82 6.72 9.83 11.77
C GLN A 82 7.31 9.02 12.93
N GLN A 83 7.90 7.89 12.59
CA GLN A 83 8.44 6.97 13.58
C GLN A 83 9.76 7.43 14.20
N THR A 84 10.63 8.03 13.39
CA THR A 84 12.01 8.29 13.77
C THR A 84 12.35 9.77 13.94
N GLY A 85 11.55 10.66 13.36
CA GLY A 85 11.88 12.08 13.31
C GLY A 85 12.95 12.46 12.31
N ASP A 86 13.37 11.52 11.46
CA ASP A 86 14.43 11.78 10.47
C ASP A 86 14.13 12.97 9.55
N ILE A 87 14.90 14.04 9.70
CA ILE A 87 14.65 15.30 9.00
C ILE A 87 14.89 15.22 7.48
N GLU A 88 15.85 14.41 7.07
CA GLU A 88 16.12 14.24 5.66
C GLU A 88 14.91 13.60 4.96
N ARG A 90 11.71 13.78 6.13
CA ARG A 90 10.73 14.85 6.12
C ARG A 90 10.93 15.79 4.93
N ASP A 91 12.18 16.14 4.67
CA ASP A 91 12.47 17.14 3.65
C ASP A 91 12.18 16.66 2.23
N ILE A 92 12.39 15.38 1.97
CA ILE A 92 12.04 14.79 0.68
C ILE A 92 10.55 15.03 0.40
N ILE A 93 9.73 14.77 1.40
CA ILE A 93 8.29 14.95 1.29
C ILE A 93 7.94 16.40 1.02
N ASP A 94 8.44 17.31 1.85
CA ASP A 94 8.09 18.72 1.70
C ASP A 94 8.54 19.28 0.35
N ARG A 95 9.72 18.87 -0.11
CA ARG A 95 10.20 19.35 -1.41
C ARG A 95 9.34 18.83 -2.56
N TRP A 96 8.86 17.60 -2.45
CA TRP A 96 8.03 17.06 -3.52
C TRP A 96 6.75 17.88 -3.65
N PHE A 97 6.05 18.09 -2.53
CA PHE A 97 4.83 18.91 -2.60
C PHE A 97 5.13 20.32 -3.08
N ALA A 98 6.20 20.91 -2.55
CA ALA A 98 6.56 22.27 -2.96
C ALA A 98 6.77 22.35 -4.47
N ASP A 99 7.53 21.41 -5.02
CA ASP A 99 7.81 21.39 -6.45
C ASP A 99 6.55 21.18 -7.27
N ARG A 100 5.73 20.20 -6.87
CA ARG A 100 4.51 19.90 -7.62
C ARG A 100 3.53 21.06 -7.60
N PHE A 101 3.36 21.68 -6.45
CA PHE A 101 2.38 22.76 -6.34
C PHE A 101 2.84 24.01 -7.10
N ALA A 102 4.15 24.24 -7.13
CA ALA A 102 4.70 25.35 -7.92
C ALA A 102 4.43 25.12 -9.41
N GLU A 103 4.48 23.86 -9.84
CA GLU A 103 4.23 23.52 -11.24
C GLU A 103 2.77 23.70 -11.59
N GLY A 104 1.90 23.32 -10.67
CA GLY A 104 0.47 23.38 -10.91
C GLY A 104 -0.14 22.00 -10.78
N ALA A 105 -1.45 21.96 -10.54
CA ALA A 105 -2.16 20.72 -10.32
C ALA A 105 -2.20 19.83 -11.56
N THR A 106 -2.05 18.52 -11.36
CA THR A 106 -2.38 17.57 -12.40
C THR A 106 -3.89 17.34 -12.31
N THR A 107 -4.45 16.56 -13.23
CA THR A 107 -5.88 16.32 -13.23
C THR A 107 -6.24 15.28 -12.16
N LYS A 108 -7.45 15.37 -11.63
CA LYS A 108 -7.88 14.49 -10.54
C LYS A 108 -8.39 13.16 -11.09
N ASN A 109 -7.94 12.07 -10.51
CA ASN A 109 -8.46 10.74 -10.83
C ASN A 109 -8.15 9.81 -9.66
N VAL A 110 -8.57 8.56 -9.76
CA VAL A 110 -8.42 7.63 -8.62
C VAL A 110 -6.96 7.51 -8.15
N ASN A 111 -6.03 7.69 -9.08
CA ASN A 111 -4.61 7.52 -8.80
C ASN A 111 -3.92 8.78 -8.27
N THR A 112 -4.22 9.92 -8.88
CA THR A 112 -3.53 11.15 -8.53
C THR A 112 -3.96 11.67 -7.16
N ALA A 114 -3.74 9.96 -4.53
CA ALA A 114 -3.00 9.22 -3.49
C ALA A 114 -2.07 10.06 -2.60
N PRO A 115 -1.32 11.00 -3.19
CA PRO A 115 -0.40 11.83 -2.38
C PRO A 115 -1.10 12.65 -1.30
N PHE A 116 -2.41 12.87 -1.44
CA PHE A 116 -3.09 13.74 -0.48
C PHE A 116 -3.25 13.14 0.91
N LEU A 117 -3.07 11.82 1.01
CA LEU A 117 -3.05 11.19 2.32
C LEU A 117 -1.87 11.74 3.11
N THR A 118 -0.69 11.74 2.49
CA THR A 118 0.51 12.25 3.17
C THR A 118 0.42 13.76 3.38
N LEU A 119 -0.16 14.47 2.42
CA LEU A 119 -0.32 15.91 2.58
C LEU A 119 -1.16 16.21 3.82
N ALA A 120 -2.22 15.45 4.02
CA ALA A 120 -3.08 15.66 5.18
C ALA A 120 -2.27 15.54 6.47
N TYR A 121 -1.44 14.50 6.57
CA TYR A 121 -0.61 14.32 7.78
C TYR A 121 0.37 15.48 7.99
N ARG A 122 0.96 15.96 6.90
CA ARG A 122 1.88 17.09 7.02
C ARG A 122 1.12 18.37 7.39
N PHE A 123 -0.08 18.55 6.85
CA PHE A 123 -0.90 19.70 7.23
C PHE A 123 -1.25 19.65 8.72
N GLU A 124 -1.59 18.46 9.20
CA GLU A 124 -1.88 18.24 10.61
C GLU A 124 -0.71 18.67 11.49
N GLU A 125 0.51 18.36 11.06
CA GLU A 125 1.68 18.70 11.84
C GLU A 125 2.09 20.16 11.72
N THR A 126 2.00 20.72 10.51
CA THR A 126 2.57 22.03 10.24
C THR A 126 1.59 23.19 10.26
N GLY A 127 0.32 22.91 9.94
CA GLY A 127 -0.66 23.97 9.79
C GLY A 127 -0.37 24.93 8.64
N ARG A 128 0.42 24.48 7.67
CA ARG A 128 0.72 25.32 6.50
C ARG A 128 -0.55 25.65 5.72
N ALA A 130 -1.28 27.15 3.06
CA ALA A 130 -1.32 26.98 1.62
C ALA A 130 -1.70 25.55 1.21
N TYR A 131 -1.58 24.60 2.15
CA TYR A 131 -1.96 23.21 1.89
C TYR A 131 -3.48 23.03 1.89
N LEU A 132 -4.18 23.90 2.60
CA LEU A 132 -5.61 23.65 2.86
C LEU A 132 -6.49 23.67 1.61
N PRO A 133 -6.28 24.65 0.71
CA PRO A 133 -7.10 24.65 -0.51
C PRO A 133 -6.89 23.39 -1.34
N TRP A 134 -5.68 22.84 -1.33
CA TRP A 134 -5.43 21.55 -2.01
C TRP A 134 -6.28 20.43 -1.40
N LEU A 135 -6.21 20.29 -0.09
CA LEU A 135 -6.97 19.24 0.59
C LEU A 135 -8.47 19.37 0.35
N GLU A 136 -8.99 20.60 0.43
CA GLU A 136 -10.42 20.81 0.29
C GLU A 136 -10.88 20.53 -1.13
N SER A 137 -10.11 21.00 -2.11
CA SER A 137 -10.51 20.84 -3.50
C SER A 137 -10.52 19.37 -3.92
N TRP A 138 -9.48 18.63 -3.55
CA TRP A 138 -9.40 17.23 -3.92
C TRP A 138 -10.41 16.35 -3.17
N ALA A 139 -10.64 16.60 -1.89
CA ALA A 139 -11.66 15.85 -1.15
C ALA A 139 -13.06 16.13 -1.71
N GLU A 140 -13.33 17.40 -2.02
CA GLU A 140 -14.63 17.76 -2.62
C GLU A 140 -14.85 17.09 -3.96
N TRP A 141 -13.78 16.96 -4.74
CA TRP A 141 -13.87 16.24 -6.01
C TRP A 141 -14.25 14.78 -5.75
N ALA A 142 -13.57 14.15 -4.79
CA ALA A 142 -13.85 12.73 -4.51
C ALA A 142 -15.31 12.56 -4.05
N HIS A 144 -18.01 14.66 -4.77
CA HIS A 144 -19.09 15.16 -5.62
C HIS A 144 -18.88 15.07 -7.13
N GLU A 145 -17.63 14.95 -7.58
CA GLU A 145 -17.37 15.07 -8.99
C GLU A 145 -16.84 13.79 -9.61
N PRO A 147 -16.55 10.23 -10.94
CA PRO A 147 -17.69 9.45 -11.47
C PRO A 147 -18.08 8.29 -10.57
N ARG A 148 -19.38 8.03 -10.50
CA ARG A 148 -19.93 6.93 -9.70
C ARG A 148 -20.49 5.85 -10.64
N THR A 149 -20.32 4.59 -10.23
CA THR A 149 -20.96 3.47 -10.91
C THR A 149 -22.37 3.33 -10.35
N GLU A 150 -23.07 2.28 -10.76
CA GLU A 150 -24.31 1.90 -10.08
C GLU A 150 -24.06 1.77 -8.59
N GLN A 151 -25.11 1.99 -7.78
CA GLN A 151 -25.05 1.86 -6.32
C GLN A 151 -24.10 2.85 -5.67
N GLY A 152 -23.69 3.85 -6.43
CA GLY A 152 -22.86 4.93 -5.91
C GLY A 152 -21.43 4.53 -5.68
N GLY A 153 -20.98 3.44 -6.31
CA GLY A 153 -19.60 3.04 -6.18
C GLY A 153 -18.66 4.05 -6.84
N GLN A 155 -16.10 4.88 -9.35
CA GLN A 155 -15.59 4.32 -10.59
C GLN A 155 -14.08 4.50 -10.70
N HIS A 156 -13.39 3.46 -11.17
CA HIS A 156 -11.93 3.50 -11.26
C HIS A 156 -11.44 4.24 -12.51
N THR A 158 -9.10 6.54 -14.58
CA THR A 158 -7.70 6.90 -14.53
C THR A 158 -7.43 8.04 -15.50
N LEU A 159 -6.16 8.35 -15.73
CA LEU A 159 -5.79 9.47 -16.57
C LEU A 159 -6.30 9.27 -17.99
N ALA A 160 -6.20 8.03 -18.47
CA ALA A 160 -6.43 7.76 -19.87
C ALA A 160 -7.67 6.91 -20.15
N GLU A 161 -8.33 6.42 -19.11
CA GLU A 161 -9.49 5.55 -19.33
C GLU A 161 -10.62 5.80 -18.34
N GLU A 162 -11.84 5.85 -18.85
CA GLU A 162 -13.01 6.00 -17.98
C GLU A 162 -13.23 4.78 -17.12
N ASN A 163 -13.01 3.60 -17.69
CA ASN A 163 -13.36 2.35 -17.00
C ASN A 163 -14.80 2.39 -16.49
N HIS A 164 -15.69 2.73 -17.43
CA HIS A 164 -17.13 2.85 -17.15
C HIS A 164 -17.68 1.68 -16.33
N GLN A 165 -18.36 2.01 -15.22
CA GLN A 165 -19.06 1.05 -14.37
C GLN A 165 -18.17 0.04 -13.64
N GLN A 166 -16.86 0.33 -13.58
CA GLN A 166 -15.91 -0.61 -12.98
C GLN A 166 -15.41 -0.16 -11.62
N TRP A 168 -12.32 -1.32 -8.79
CA TRP A 168 -11.11 -2.14 -8.67
C TRP A 168 -10.55 -2.17 -7.24
N ASP A 169 -9.68 -3.15 -6.97
CA ASP A 169 -9.04 -3.33 -5.65
C ASP A 169 -8.37 -2.09 -5.07
N ASP A 170 -7.67 -1.34 -5.91
CA ASP A 170 -6.78 -0.30 -5.41
C ASP A 170 -7.48 1.01 -5.06
N THR A 171 -8.75 1.15 -5.47
CA THR A 171 -9.49 2.39 -5.17
C THR A 171 -9.52 2.75 -3.67
N LEU A 172 -9.70 1.76 -2.81
CA LEU A 172 -9.77 2.04 -1.37
C LEU A 172 -8.48 2.71 -0.87
N THR A 175 -7.69 6.41 -3.15
CA THR A 175 -8.60 7.54 -3.02
C THR A 175 -9.40 7.56 -1.73
N VAL A 176 -9.90 6.40 -1.30
CA VAL A 176 -10.79 6.36 -0.14
C VAL A 176 -10.08 6.68 1.18
N LEU A 177 -8.91 6.10 1.40
CA LEU A 177 -8.18 6.40 2.63
C LEU A 177 -7.81 7.90 2.73
N PRO A 178 -7.27 8.49 1.64
CA PRO A 178 -7.05 9.94 1.65
C PRO A 178 -8.33 10.71 1.99
N LEU A 179 -9.46 10.34 1.38
CA LEU A 179 -10.71 11.05 1.66
C LEU A 179 -11.09 10.95 3.14
N ALA A 180 -10.96 9.75 3.70
CA ALA A 180 -11.33 9.53 5.09
C ALA A 180 -10.41 10.32 6.02
N LYS A 181 -9.11 10.33 5.73
CA LYS A 181 -8.18 11.08 6.58
C LYS A 181 -8.52 12.59 6.55
N ILE A 182 -8.79 13.12 5.36
CA ILE A 182 -9.18 14.53 5.25
C ILE A 182 -10.50 14.80 5.99
N GLY A 183 -11.44 13.87 5.93
CA GLY A 183 -12.70 14.03 6.67
C GLY A 183 -12.49 14.13 8.17
N LYS A 184 -11.60 13.31 8.69
CA LYS A 184 -11.26 13.39 10.12
C LYS A 184 -10.53 14.69 10.42
N LEU A 185 -9.52 15.01 9.62
CA LEU A 185 -8.69 16.19 9.89
C LEU A 185 -9.49 17.49 9.80
N LEU A 186 -10.34 17.61 8.79
CA LEU A 186 -11.10 18.85 8.63
C LEU A 186 -12.46 18.81 9.31
N ASN A 187 -12.73 17.76 10.08
CA ASN A 187 -14.02 17.62 10.77
C ASN A 187 -15.21 17.70 9.81
N ARG A 188 -15.15 16.87 8.77
CA ARG A 188 -16.22 16.77 7.80
C ARG A 188 -16.65 15.30 7.79
N PRO A 189 -17.57 14.95 8.71
CA PRO A 189 -17.96 13.55 8.90
C PRO A 189 -18.60 12.91 7.67
N GLN A 190 -19.22 13.70 6.79
CA GLN A 190 -19.78 13.11 5.58
C GLN A 190 -18.71 12.46 4.70
N TYR A 191 -17.49 12.99 4.74
CA TYR A 191 -16.40 12.35 3.99
C TYR A 191 -16.13 10.95 4.52
N VAL A 192 -16.19 10.81 5.85
CA VAL A 192 -15.91 9.52 6.50
C VAL A 192 -17.07 8.54 6.30
N GLU A 193 -18.30 9.04 6.34
CA GLU A 193 -19.46 8.21 6.01
C GLU A 193 -19.37 7.69 4.58
N GLU A 194 -18.98 8.56 3.65
CA GLU A 194 -18.81 8.13 2.27
C GLU A 194 -17.73 7.05 2.15
N ALA A 195 -16.60 7.27 2.80
CA ALA A 195 -15.49 6.30 2.77
C ALA A 195 -15.94 4.94 3.29
N THR A 196 -16.65 4.95 4.42
CA THR A 196 -17.13 3.71 5.03
C THR A 196 -18.05 2.96 4.06
N TYR A 197 -18.97 3.69 3.44
CA TYR A 197 -19.85 3.08 2.43
C TYR A 197 -19.04 2.46 1.30
N GLN A 198 -18.00 3.15 0.83
CA GLN A 198 -17.17 2.58 -0.24
C GLN A 198 -16.51 1.28 0.18
N PHE A 199 -16.09 1.18 1.45
CA PHE A 199 -15.54 -0.09 1.92
C PHE A 199 -16.56 -1.20 1.80
N LEU A 200 -17.76 -0.96 2.30
CA LEU A 200 -18.79 -2.01 2.27
C LEU A 200 -19.10 -2.45 0.84
N LEU A 201 -19.22 -1.48 -0.07
CA LEU A 201 -19.57 -1.81 -1.46
C LEU A 201 -18.42 -2.47 -2.22
N HIS A 202 -17.17 -2.10 -1.93
CA HIS A 202 -16.05 -2.76 -2.58
C HIS A 202 -15.96 -4.22 -2.11
N VAL A 203 -16.18 -4.46 -0.82
CA VAL A 203 -16.24 -5.84 -0.32
C VAL A 203 -17.33 -6.60 -1.06
N GLN A 204 -18.51 -6.00 -1.14
CA GLN A 204 -19.65 -6.64 -1.79
C GLN A 204 -19.28 -7.14 -3.20
N ASN A 205 -18.59 -6.31 -3.96
CA ASN A 205 -18.40 -6.58 -5.39
C ASN A 205 -17.11 -7.32 -5.76
N LEU A 206 -16.14 -7.29 -4.85
CA LEU A 206 -14.81 -7.81 -5.18
C LEU A 206 -14.36 -9.00 -4.33
N ASP A 208 -14.21 -12.64 -2.69
CA ASP A 208 -14.64 -13.95 -3.17
C ASP A 208 -14.89 -14.86 -1.97
N ARG A 209 -16.17 -15.14 -1.68
CA ARG A 209 -16.54 -15.87 -0.48
C ARG A 209 -16.06 -17.32 -0.52
N GLU A 210 -15.72 -17.81 -1.70
CA GLU A 210 -15.19 -19.16 -1.85
C GLU A 210 -13.80 -19.29 -1.24
N THR A 211 -13.04 -18.19 -1.18
CA THR A 211 -11.65 -18.27 -0.73
C THR A 211 -11.24 -17.30 0.37
N GLY A 212 -11.96 -16.19 0.51
CA GLY A 212 -11.51 -15.12 1.40
C GLY A 212 -10.58 -14.13 0.70
N LEU A 213 -10.16 -14.47 -0.52
CA LEU A 213 -9.32 -13.57 -1.31
C LEU A 213 -10.22 -12.67 -2.16
N TRP A 214 -9.62 -11.70 -2.85
CA TRP A 214 -10.39 -10.77 -3.67
C TRP A 214 -10.08 -10.91 -5.15
N PHE A 215 -11.10 -10.65 -5.98
CA PHE A 215 -10.87 -10.53 -7.42
C PHE A 215 -10.38 -9.12 -7.71
N HIS A 216 -9.70 -8.96 -8.84
CA HIS A 216 -9.08 -7.69 -9.20
C HIS A 216 -10.12 -6.61 -9.50
N GLY A 217 -11.16 -6.97 -10.24
CA GLY A 217 -12.12 -5.99 -10.73
C GLY A 217 -13.55 -6.46 -10.77
N TRP A 218 -14.45 -5.50 -10.86
CA TRP A 218 -15.89 -5.72 -10.97
C TRP A 218 -16.46 -4.77 -12.03
N ASN A 219 -17.38 -5.25 -12.85
CA ASN A 219 -18.05 -4.40 -13.81
C ASN A 219 -19.57 -4.54 -13.65
N TYR A 220 -20.26 -3.44 -13.38
CA TYR A 220 -21.73 -3.47 -13.33
C TYR A 220 -22.31 -3.73 -14.71
N GLU A 221 -21.58 -3.34 -15.74
CA GLU A 221 -21.98 -3.65 -17.11
C GLU A 221 -21.69 -5.12 -17.35
N GLY A 222 -22.70 -5.96 -17.22
CA GLY A 222 -22.51 -7.39 -17.34
C GLY A 222 -22.40 -8.10 -16.01
N ARG A 223 -22.31 -7.33 -14.92
CA ARG A 223 -22.23 -7.88 -13.56
C ARG A 223 -21.27 -9.06 -13.43
N HIS A 224 -19.98 -8.78 -13.62
CA HIS A 224 -18.99 -9.84 -13.62
C HIS A 224 -17.67 -9.37 -13.04
N ASN A 225 -16.82 -10.34 -12.68
CA ASN A 225 -15.49 -10.03 -12.15
C ASN A 225 -14.37 -10.29 -13.16
N PHE A 226 -14.64 -9.97 -14.42
CA PHE A 226 -13.63 -10.13 -15.48
C PHE A 226 -13.05 -11.54 -15.48
N ALA A 227 -11.72 -11.65 -15.35
CA ALA A 227 -11.05 -12.95 -15.37
C ALA A 227 -11.22 -13.74 -14.07
N ARG A 228 -11.83 -13.12 -13.06
CA ARG A 228 -11.92 -13.70 -11.73
C ARG A 228 -10.53 -14.04 -11.21
N ALA A 229 -9.63 -13.07 -11.33
CA ALA A 229 -8.25 -13.26 -10.95
C ALA A 229 -8.02 -12.88 -9.50
N ARG A 230 -7.50 -13.82 -8.72
CA ARG A 230 -7.09 -13.52 -7.35
C ARG A 230 -5.63 -13.09 -7.40
N TRP A 231 -5.43 -11.86 -7.88
CA TRP A 231 -4.11 -11.33 -8.21
C TRP A 231 -3.43 -10.78 -6.95
N ALA A 232 -2.18 -11.17 -6.72
CA ALA A 232 -1.47 -10.85 -5.48
C ALA A 232 -1.37 -9.35 -5.19
N ARG A 233 -0.78 -8.58 -6.09
CA ARG A 233 -0.61 -7.16 -5.79
C ARG A 233 -1.95 -6.46 -5.53
N GLY A 234 -2.96 -6.77 -6.33
CA GLY A 234 -4.29 -6.20 -6.12
C GLY A 234 -4.85 -6.53 -4.75
N ASN A 235 -4.71 -7.78 -4.33
CA ASN A 235 -5.14 -8.20 -2.99
C ASN A 235 -4.38 -7.47 -1.90
N SER A 236 -3.11 -7.19 -2.13
CA SER A 236 -2.28 -6.59 -1.10
C SER A 236 -2.75 -5.17 -0.78
N TRP A 237 -3.41 -4.50 -1.73
CA TRP A 237 -3.93 -3.16 -1.44
C TRP A 237 -5.04 -3.21 -0.38
N LEU A 238 -5.77 -4.32 -0.32
CA LEU A 238 -6.78 -4.45 0.72
C LEU A 238 -6.13 -4.79 2.06
N THR A 239 -5.11 -5.64 2.03
CA THR A 239 -4.43 -6.02 3.27
C THR A 239 -3.81 -4.79 3.95
N VAL A 241 -4.83 -1.44 3.35
CA VAL A 241 -5.75 -0.33 3.61
C VAL A 241 -6.73 -0.60 4.74
N ILE A 242 -7.13 -1.85 4.92
CA ILE A 242 -8.13 -2.13 5.96
C ILE A 242 -7.58 -1.78 7.36
N PRO A 243 -6.38 -2.28 7.72
CA PRO A 243 -5.87 -1.92 9.04
C PRO A 243 -5.66 -0.41 9.16
N ASP A 244 -5.17 0.27 8.12
CA ASP A 244 -5.01 1.73 8.21
C ASP A 244 -6.33 2.45 8.37
N PHE A 245 -7.35 1.99 7.66
CA PHE A 245 -8.68 2.61 7.76
C PHE A 245 -9.27 2.39 9.16
N LEU A 246 -9.17 1.17 9.67
CA LEU A 246 -9.66 0.85 11.02
C LEU A 246 -8.98 1.73 12.06
N GLU A 247 -7.67 1.90 11.89
CA GLU A 247 -6.90 2.71 12.83
C GLU A 247 -7.40 4.14 12.81
N LEU A 248 -7.67 4.64 11.61
CA LEU A 248 -8.17 6.00 11.43
C LEU A 248 -9.57 6.19 12.03
N VAL A 249 -10.50 5.29 11.73
CA VAL A 249 -11.88 5.51 12.23
C VAL A 249 -12.01 5.27 13.74
N ASP A 250 -11.13 4.45 14.28
CA ASP A 250 -11.01 4.28 15.74
C ASP A 250 -12.38 3.99 16.37
N LEU A 251 -13.07 3.01 15.82
CA LEU A 251 -14.40 2.64 16.32
C LEU A 251 -14.32 1.78 17.58
N PRO A 252 -15.36 1.84 18.43
CA PRO A 252 -15.44 1.01 19.64
C PRO A 252 -15.49 -0.47 19.29
N GLU A 253 -14.86 -1.32 20.09
CA GLU A 253 -14.96 -2.76 19.89
C GLU A 253 -16.42 -3.19 19.90
N GLY A 254 -16.80 -4.09 19.00
CA GLY A 254 -18.19 -4.54 18.93
C GLY A 254 -19.06 -3.75 17.98
N ASN A 255 -18.63 -2.55 17.59
CA ASN A 255 -19.30 -1.81 16.54
C ASN A 255 -19.38 -2.71 15.30
N ALA A 256 -20.55 -2.84 14.68
CA ALA A 256 -20.72 -3.85 13.62
C ALA A 256 -19.83 -3.63 12.41
N VAL A 257 -19.60 -2.36 12.05
CA VAL A 257 -18.73 -2.05 10.92
C VAL A 257 -17.26 -2.41 11.22
N ARG A 258 -16.79 -2.01 12.40
CA ARG A 258 -15.44 -2.35 12.80
C ARG A 258 -15.26 -3.87 12.79
N ARG A 259 -16.22 -4.55 13.39
CA ARG A 259 -16.17 -6.00 13.53
C ARG A 259 -16.22 -6.67 12.18
N TYR A 260 -17.09 -6.19 11.29
CA TYR A 260 -17.22 -6.77 9.96
C TYR A 260 -15.95 -6.59 9.11
N LEU A 261 -15.37 -5.40 9.12
CA LEU A 261 -14.16 -5.19 8.34
C LEU A 261 -13.00 -6.03 8.89
N ILE A 262 -12.96 -6.21 10.20
CA ILE A 262 -11.93 -7.08 10.79
C ILE A 262 -12.17 -8.53 10.34
N THR A 263 -13.43 -8.95 10.30
CA THR A 263 -13.76 -10.29 9.84
C THR A 263 -13.28 -10.51 8.40
N VAL A 264 -13.50 -9.51 7.57
CA VAL A 264 -13.06 -9.56 6.18
C VAL A 264 -11.52 -9.62 6.09
N LEU A 265 -10.85 -8.79 6.89
CA LEU A 265 -9.38 -8.80 6.90
C LEU A 265 -8.84 -10.15 7.38
N ASP A 266 -9.45 -10.67 8.44
CA ASP A 266 -9.01 -11.94 9.02
C ASP A 266 -9.17 -13.09 8.02
N ALA A 267 -10.27 -13.07 7.27
CA ALA A 267 -10.49 -14.10 6.26
C ALA A 267 -9.45 -14.02 5.15
N GLN A 268 -9.07 -12.81 4.74
CA GLN A 268 -8.05 -12.71 3.69
C GLN A 268 -6.71 -13.19 4.23
N ILE A 269 -6.35 -12.75 5.43
CA ILE A 269 -5.07 -13.14 6.01
C ILE A 269 -4.98 -14.65 6.24
N ALA A 270 -6.08 -15.26 6.68
CA ALA A 270 -6.12 -16.71 6.82
C ALA A 270 -5.86 -17.41 5.49
N ALA A 271 -6.45 -16.90 4.42
CA ALA A 271 -6.23 -17.49 3.09
C ALA A 271 -4.79 -17.30 2.66
N LEU A 272 -4.26 -16.10 2.90
CA LEU A 272 -2.88 -15.79 2.56
C LEU A 272 -1.89 -16.69 3.29
N ALA A 273 -2.13 -16.93 4.57
CA ALA A 273 -1.25 -17.81 5.35
C ALA A 273 -1.18 -19.19 4.71
N GLU A 274 -2.31 -19.62 4.15
CA GLU A 274 -2.40 -20.94 3.54
C GLU A 274 -1.67 -21.06 2.18
N CYS A 275 -1.57 -19.97 1.42
CA CYS A 275 -0.93 -20.06 0.11
C CYS A 275 0.44 -19.39 -0.01
N GLN A 276 1.01 -18.99 1.12
CA GLN A 276 2.35 -18.41 1.15
C GLN A 276 3.41 -19.44 0.78
N ASP A 277 4.31 -19.08 -0.12
CA ASP A 277 5.42 -19.97 -0.52
C ASP A 277 6.45 -20.09 0.61
N ASP A 278 7.20 -21.18 0.60
CA ASP A 278 8.24 -21.41 1.61
C ASP A 278 9.29 -20.31 1.66
N SER A 279 9.48 -19.61 0.54
CA SER A 279 10.41 -18.48 0.49
C SER A 279 9.87 -17.27 1.22
N GLY A 280 8.58 -17.29 1.54
CA GLY A 280 7.96 -16.16 2.22
C GLY A 280 7.18 -15.29 1.25
N LEU A 281 7.44 -15.46 -0.05
CA LEU A 281 6.71 -14.70 -1.07
C LEU A 281 5.40 -15.38 -1.46
N TRP A 282 4.55 -14.64 -2.15
CA TRP A 282 3.30 -15.18 -2.67
C TRP A 282 3.36 -15.24 -4.20
N HIS A 283 2.54 -16.13 -4.77
CA HIS A 283 2.43 -16.27 -6.23
C HIS A 283 1.56 -15.16 -6.81
N THR A 284 1.91 -14.70 -8.02
CA THR A 284 1.23 -13.54 -8.60
C THR A 284 -0.25 -13.78 -8.85
N LEU A 285 -0.60 -15.00 -9.22
CA LEU A 285 -1.97 -15.47 -9.02
C LEU A 285 -1.94 -16.28 -7.74
N LEU A 286 -2.54 -15.75 -6.68
CA LEU A 286 -2.39 -16.31 -5.35
C LEU A 286 -2.67 -17.81 -5.27
N ASP A 287 -3.66 -18.25 -6.04
CA ASP A 287 -4.09 -19.65 -5.98
C ASP A 287 -3.47 -20.53 -7.07
N ASP A 288 -2.43 -20.03 -7.74
CA ASP A 288 -1.75 -20.80 -8.79
C ASP A 288 -0.27 -20.93 -8.48
N PRO A 289 0.12 -22.06 -7.85
CA PRO A 289 1.49 -22.26 -7.38
C PRO A 289 2.47 -22.43 -8.54
N HIS A 290 1.95 -22.47 -9.77
CA HIS A 290 2.81 -22.52 -10.95
C HIS A 290 3.07 -21.14 -11.54
N SER A 291 2.34 -20.13 -11.07
CA SER A 291 2.62 -18.76 -11.48
C SER A 291 3.84 -18.27 -10.70
N TYR A 292 4.51 -17.22 -11.18
CA TYR A 292 5.75 -16.81 -10.54
C TYR A 292 5.56 -16.08 -9.21
N LEU A 293 6.57 -16.15 -8.34
CA LEU A 293 6.53 -15.44 -7.07
C LEU A 293 6.70 -13.95 -7.33
N GLU A 294 6.07 -13.12 -6.51
CA GLU A 294 6.08 -11.70 -6.78
C GLU A 294 6.29 -10.87 -5.50
N ALA A 295 7.36 -10.09 -5.49
CA ALA A 295 7.84 -9.43 -4.28
C ALA A 295 7.07 -8.19 -3.85
N SER A 296 6.62 -7.37 -4.79
CA SER A 296 5.93 -6.14 -4.38
C SER A 296 4.63 -6.47 -3.63
N ALA A 297 3.86 -7.42 -4.16
CA ALA A 297 2.64 -7.87 -3.46
C ALA A 297 2.99 -8.40 -2.07
N THR A 298 4.07 -9.17 -2.01
CA THR A 298 4.57 -9.73 -0.77
C THR A 298 4.86 -8.65 0.27
N ALA A 299 5.46 -7.54 -0.18
CA ALA A 299 5.74 -6.40 0.69
C ALA A 299 4.45 -5.78 1.23
N GLY A 300 3.44 -5.68 0.38
CA GLY A 300 2.14 -5.15 0.81
C GLY A 300 1.46 -6.05 1.83
N PHE A 301 1.47 -7.36 1.58
CA PHE A 301 0.92 -8.29 2.56
C PHE A 301 1.68 -8.19 3.87
N ALA A 302 3.00 -8.03 3.81
CA ALA A 302 3.81 -7.97 5.01
C ALA A 302 3.41 -6.76 5.84
N TYR A 303 3.33 -5.60 5.18
CA TYR A 303 2.89 -4.39 5.86
C TYR A 303 1.54 -4.60 6.54
N GLY A 304 0.56 -5.11 5.78
CA GLY A 304 -0.79 -5.23 6.30
C GLY A 304 -0.91 -6.22 7.45
N ILE A 305 -0.21 -7.35 7.34
CA ILE A 305 -0.27 -8.34 8.40
C ILE A 305 0.45 -7.84 9.66
N LEU A 306 1.63 -7.27 9.48
CA LEU A 306 2.32 -6.65 10.61
C LEU A 306 1.44 -5.63 11.34
N LYS A 307 0.83 -4.74 10.58
CA LYS A 307 0.02 -3.68 11.17
C LYS A 307 -1.20 -4.28 11.89
N ALA A 308 -1.90 -5.19 11.22
CA ALA A 308 -3.07 -5.83 11.82
C ALA A 308 -2.71 -6.55 13.14
N VAL A 309 -1.53 -7.16 13.18
CA VAL A 309 -1.05 -7.79 14.40
C VAL A 309 -0.72 -6.76 15.49
N ARG A 310 0.00 -5.70 15.11
CA ARG A 310 0.35 -4.66 16.07
C ARG A 310 -0.88 -3.96 16.67
N LYS A 311 -1.89 -3.73 15.83
CA LYS A 311 -3.14 -3.09 16.30
C LYS A 311 -4.09 -4.08 16.97
N ARG A 312 -3.70 -5.35 16.96
CA ARG A 312 -4.47 -6.42 17.59
C ARG A 312 -5.85 -6.65 16.96
N TYR A 313 -5.94 -6.45 15.64
CA TYR A 313 -7.16 -6.75 14.91
C TYR A 313 -7.23 -8.25 14.64
N VAL A 314 -6.07 -8.86 14.45
CA VAL A 314 -5.98 -10.30 14.20
C VAL A 314 -5.05 -10.95 15.21
N GLY A 315 -5.05 -12.29 15.23
CA GLY A 315 -4.31 -13.06 16.22
C GLY A 315 -2.81 -12.85 16.16
N GLN A 316 -2.18 -12.82 17.33
CA GLN A 316 -0.75 -12.58 17.41
C GLN A 316 0.05 -13.65 16.66
N HIS A 317 -0.56 -14.82 16.49
CA HIS A 317 0.12 -15.90 15.80
C HIS A 317 0.44 -15.60 14.33
N TYR A 318 -0.25 -14.63 13.74
CA TYR A 318 0.02 -14.28 12.34
C TYR A 318 1.36 -13.59 12.18
N ALA A 319 1.98 -13.24 13.30
CA ALA A 319 3.32 -12.67 13.28
C ALA A 319 4.31 -13.55 12.51
N GLY A 320 4.10 -14.87 12.58
CA GLY A 320 4.98 -15.82 11.90
C GLY A 320 4.94 -15.69 10.39
N VAL A 321 3.74 -15.50 9.85
CA VAL A 321 3.56 -15.29 8.42
C VAL A 321 4.29 -14.04 7.97
N ALA A 322 4.11 -12.94 8.72
CA ALA A 322 4.75 -11.67 8.37
C ALA A 322 6.26 -11.77 8.48
N GLU A 323 6.73 -12.48 9.50
CA GLU A 323 8.17 -12.63 9.70
C GLU A 323 8.81 -13.32 8.49
N LYS A 324 8.15 -14.37 7.99
CA LYS A 324 8.63 -15.10 6.81
C LYS A 324 8.67 -14.21 5.57
N ALA A 325 7.63 -13.39 5.42
CA ALA A 325 7.54 -12.47 4.28
C ALA A 325 8.64 -11.41 4.32
N ILE A 326 8.87 -10.83 5.50
CA ILE A 326 9.91 -9.83 5.66
C ILE A 326 11.30 -10.39 5.34
N ARG A 327 11.59 -11.60 5.80
CA ARG A 327 12.86 -12.24 5.43
C ARG A 327 12.97 -12.38 3.92
N GLY A 328 11.86 -12.79 3.30
CA GLY A 328 11.82 -12.91 1.86
C GLY A 328 12.05 -11.58 1.17
N ILE A 329 11.47 -10.53 1.72
CA ILE A 329 11.65 -9.20 1.15
C ILE A 329 13.11 -8.74 1.23
N VAL A 330 13.71 -8.86 2.41
CA VAL A 330 15.12 -8.45 2.57
C VAL A 330 16.03 -9.24 1.64
N GLN A 331 15.70 -10.51 1.42
CA GLN A 331 16.45 -11.37 0.51
C GLN A 331 16.36 -10.89 -0.93
N ASN A 332 15.35 -10.10 -1.24
CA ASN A 332 15.15 -9.64 -2.62
C ASN A 332 15.40 -8.15 -2.84
N ILE A 333 16.07 -7.52 -1.89
CA ILE A 333 16.50 -6.14 -2.13
C ILE A 333 17.98 -6.10 -2.52
N SER A 334 18.26 -5.54 -3.69
CA SER A 334 19.62 -5.50 -4.23
C SER A 334 20.47 -4.49 -3.47
N PRO A 335 21.81 -4.56 -3.65
CA PRO A 335 22.68 -3.56 -3.02
C PRO A 335 22.39 -2.14 -3.50
N GLN A 336 21.76 -2.01 -4.66
CA GLN A 336 21.36 -0.69 -5.17
C GLN A 336 20.01 -0.23 -4.61
N GLY A 337 19.39 -1.06 -3.77
CA GLY A 337 18.13 -0.71 -3.16
C GLY A 337 16.89 -0.97 -4.02
N GLU A 338 17.02 -1.89 -4.97
CA GLU A 338 15.91 -2.26 -5.86
C GLU A 338 15.20 -3.52 -5.34
N LEU A 339 13.87 -3.52 -5.33
CA LEU A 339 13.14 -4.74 -4.98
C LEU A 339 13.03 -5.63 -6.21
N LEU A 340 13.74 -6.76 -6.17
CA LEU A 340 13.79 -7.70 -7.29
C LEU A 340 12.52 -8.56 -7.33
N GLN A 341 12.37 -9.36 -8.39
CA GLN A 341 11.19 -10.22 -8.54
C GLN A 341 9.88 -9.41 -8.45
N THR A 342 9.90 -8.20 -9.01
CA THR A 342 8.72 -7.35 -9.02
C THR A 342 8.11 -7.33 -10.42
N SER A 343 6.79 -7.46 -10.51
CA SER A 343 6.11 -7.47 -11.80
C SER A 343 5.77 -6.06 -12.28
N PHE A 344 5.79 -5.92 -13.61
CA PHE A 344 5.49 -4.69 -14.33
C PHE A 344 4.05 -4.24 -14.10
N GLY A 345 3.70 -3.06 -14.61
CA GLY A 345 2.36 -2.51 -14.44
C GLY A 345 1.29 -3.45 -14.96
N THR A 346 0.21 -3.61 -14.21
CA THR A 346 -0.79 -4.62 -14.52
C THR A 346 -2.20 -4.06 -14.55
N GLY A 347 -2.81 -4.01 -15.74
CA GLY A 347 -4.17 -3.52 -15.87
C GLY A 347 -5.21 -4.60 -15.59
N GLY A 349 -7.26 -7.67 -16.42
CA GLY A 349 -7.16 -8.79 -17.35
C GLY A 349 -8.48 -9.45 -17.70
N SER A 350 -8.58 -9.94 -18.94
CA SER A 350 -9.76 -10.64 -19.41
C SER A 350 -9.64 -12.14 -19.22
N ASP A 351 -8.41 -12.60 -18.99
CA ASP A 351 -8.14 -14.01 -18.75
C ASP A 351 -6.98 -14.13 -17.78
N LEU A 352 -6.77 -15.33 -17.24
CA LEU A 352 -5.74 -15.51 -16.22
C LEU A 352 -4.33 -15.49 -16.81
N ASP A 353 -4.20 -15.90 -18.07
CA ASP A 353 -2.89 -15.87 -18.73
C ASP A 353 -2.32 -14.46 -18.78
N PHE A 354 -3.20 -13.47 -18.88
CA PHE A 354 -2.78 -12.06 -18.83
C PHE A 354 -1.90 -11.78 -17.62
N TYR A 355 -2.33 -12.28 -16.47
CA TYR A 355 -1.59 -12.08 -15.23
C TYR A 355 -0.33 -12.93 -15.16
N ARG A 356 -0.40 -14.16 -15.67
CA ARG A 356 0.75 -15.05 -15.63
C ARG A 356 1.91 -14.50 -16.45
N GLN A 357 1.60 -13.73 -17.48
CA GLN A 357 2.61 -13.33 -18.47
C GLN A 357 3.16 -11.91 -18.32
N ILE A 358 2.72 -11.19 -17.30
CA ILE A 358 3.29 -9.87 -17.03
C ILE A 358 4.79 -9.99 -16.81
N PRO A 359 5.59 -9.16 -17.49
CA PRO A 359 7.05 -9.19 -17.35
C PRO A 359 7.49 -8.81 -15.93
N LEU A 360 8.68 -9.24 -15.55
CA LEU A 360 9.27 -8.79 -14.29
C LEU A 360 10.29 -7.69 -14.56
N THR A 361 10.17 -6.57 -13.84
CA THR A 361 11.15 -5.50 -13.95
C THR A 361 11.05 -4.57 -12.74
N SER A 362 12.13 -3.85 -12.44
CA SER A 362 12.12 -2.88 -11.33
C SER A 362 11.06 -1.80 -11.51
N PRO A 364 8.75 1.60 -9.38
CA PRO A 364 8.66 2.52 -8.25
C PRO A 364 7.82 1.94 -7.10
N TYR A 365 6.73 1.24 -7.42
CA TYR A 365 5.88 0.73 -6.33
C TYR A 365 6.57 -0.40 -5.58
N GLY A 366 7.49 -1.09 -6.24
CA GLY A 366 8.27 -2.11 -5.58
C GLY A 366 9.08 -1.51 -4.45
N GLN A 367 9.82 -0.44 -4.76
CA GLN A 367 10.61 0.25 -3.75
C GLN A 367 9.73 0.86 -2.67
N ALA A 368 8.62 1.47 -3.10
CA ALA A 368 7.70 2.14 -2.18
C ALA A 368 7.10 1.16 -1.17
N ALA A 370 8.32 -1.75 -0.30
CA ALA A 370 9.39 -2.23 0.56
C ALA A 370 9.65 -1.26 1.70
N ILE A 371 9.65 0.03 1.41
CA ILE A 371 9.80 1.05 2.44
C ILE A 371 8.71 0.91 3.50
N LEU A 372 7.47 0.73 3.05
CA LEU A 372 6.35 0.61 3.97
C LEU A 372 6.48 -0.62 4.87
N CYS A 373 6.69 -1.79 4.28
CA CYS A 373 6.71 -2.99 5.11
C CYS A 373 7.91 -3.02 6.08
N LEU A 374 9.06 -2.52 5.65
CA LEU A 374 10.26 -2.52 6.50
C LEU A 374 10.13 -1.50 7.62
N THR A 375 9.50 -0.37 7.33
CA THR A 375 9.24 0.64 8.35
C THR A 375 8.27 0.11 9.41
N GLU A 376 7.23 -0.58 8.97
CA GLU A 376 6.33 -1.22 9.92
C GLU A 376 7.05 -2.31 10.73
N TYR A 377 7.96 -3.03 10.09
CA TYR A 377 8.73 -4.07 10.78
C TYR A 377 9.60 -3.47 11.89
N LEU A 378 10.14 -2.28 11.66
CA LEU A 378 10.88 -1.54 12.68
C LEU A 378 10.11 -1.32 13.98
N ARG A 379 8.78 -1.29 13.91
CA ARG A 379 7.97 -1.14 15.12
C ARG A 379 8.24 -2.26 16.11
N LYS A 380 8.68 -3.41 15.61
CA LYS A 380 8.90 -4.56 16.47
C LYS A 380 10.13 -4.39 17.37
N TYR A 381 10.98 -3.42 17.04
CA TYR A 381 12.26 -3.25 17.74
C TYR A 381 12.18 -2.38 18.98
N PHE A 382 11.11 -1.60 19.10
CA PHE A 382 10.92 -0.78 20.30
C PHE A 382 10.70 -1.67 21.52
#